data_6FGJ
#
_entry.id   6FGJ
#
_cell.length_a   71.802
_cell.length_b   71.802
_cell.length_c   190.828
_cell.angle_alpha   90.00
_cell.angle_beta   90.00
_cell.angle_gamma   90.00
#
_symmetry.space_group_name_H-M   'P 43 21 2'
#
loop_
_entity.id
_entity.type
_entity.pdbx_description
1 polymer 'GTP pyrophosphokinase'
2 non-polymer 'TRIETHYLENE GLYCOL'
3 water water
#
_entity_poly.entity_id   1
_entity_poly.type   'polypeptide(L)'
_entity_poly.pdbx_seq_one_letter_code
;MGHHHHHHYVDRKPSLYLEDLRHDFKNSLSKFENGDEAFDTLLGFVELDHIYSSALKEISTKLSILDDNFNHIYKHNPIH
HMERRVKEMRSLIEKLNRKGLQISAETAKEHILDIAGIRVVCNYLDDIYLIEEMLLKQEDVQLIKRKDYIQHPKENGYRS
LHIVVSIPVFLAERVEVLPVEIQIRTIGMDMWASLEHKIRYKNNAETEKYRDLLKECATEITEVEDKLQQIHSEITE
;
_entity_poly.pdbx_strand_id   A,B
#
# COMPACT_ATOMS: atom_id res chain seq x y z
N ASP A 40 -17.96 -14.52 -26.87
CA ASP A 40 -16.52 -14.50 -27.02
C ASP A 40 -15.90 -13.68 -25.91
N THR A 41 -16.36 -12.45 -25.78
CA THR A 41 -15.95 -11.62 -24.66
C THR A 41 -16.58 -12.19 -23.40
N LEU A 42 -17.83 -12.62 -23.53
CA LEU A 42 -18.58 -13.21 -22.46
C LEU A 42 -17.94 -14.50 -21.99
N LEU A 43 -17.39 -15.29 -22.90
CA LEU A 43 -16.75 -16.53 -22.52
C LEU A 43 -15.56 -16.28 -21.62
N GLY A 44 -14.79 -15.24 -21.92
CA GLY A 44 -13.64 -14.90 -21.11
C GLY A 44 -14.06 -14.70 -19.68
N PHE A 45 -15.17 -14.02 -19.46
CA PHE A 45 -15.59 -13.80 -18.08
C PHE A 45 -16.03 -15.10 -17.41
N VAL A 46 -16.70 -16.01 -18.15
CA VAL A 46 -17.00 -17.31 -17.55
C VAL A 46 -15.71 -18.02 -17.15
N GLU A 47 -14.70 -17.98 -18.03
CA GLU A 47 -13.41 -18.55 -17.68
C GLU A 47 -12.83 -17.87 -16.45
N LEU A 48 -12.97 -16.55 -16.36
CA LEU A 48 -12.42 -15.81 -15.23
C LEU A 48 -13.06 -16.26 -13.92
N ASP A 49 -14.39 -16.36 -13.92
CA ASP A 49 -15.11 -16.82 -12.74
C ASP A 49 -14.64 -18.21 -12.32
N HIS A 50 -14.49 -19.10 -13.30
CA HIS A 50 -14.15 -20.48 -13.00
C HIS A 50 -12.77 -20.58 -12.35
N ILE A 51 -11.76 -19.94 -12.95
CA ILE A 51 -10.39 -20.09 -12.44
C ILE A 51 -10.20 -19.34 -11.12
N TYR A 52 -10.84 -18.18 -10.96
CA TYR A 52 -10.72 -17.51 -9.66
C TYR A 52 -11.49 -18.24 -8.57
N SER A 53 -12.57 -18.96 -8.93
CA SER A 53 -13.23 -19.84 -7.97
C SER A 53 -12.30 -20.96 -7.53
N SER A 54 -11.56 -21.54 -8.48
CA SER A 54 -10.56 -22.54 -8.13
C SER A 54 -9.50 -21.96 -7.20
N ALA A 55 -9.07 -20.72 -7.43
CA ALA A 55 -8.14 -20.07 -6.49
C ALA A 55 -8.72 -20.02 -5.09
N LEU A 56 -10.02 -19.72 -4.98
CA LEU A 56 -10.66 -19.67 -3.68
C LEU A 56 -10.63 -21.01 -2.98
N LYS A 57 -10.81 -22.11 -3.72
CA LYS A 57 -10.72 -23.44 -3.12
C LYS A 57 -9.33 -23.71 -2.56
N GLU A 58 -8.28 -23.34 -3.32
CA GLU A 58 -6.91 -23.56 -2.86
C GLU A 58 -6.65 -22.84 -1.55
N ILE A 59 -7.03 -21.56 -1.49
CA ILE A 59 -6.73 -20.79 -0.28
C ILE A 59 -7.62 -21.25 0.90
N SER A 60 -8.87 -21.64 0.61
CA SER A 60 -9.75 -22.15 1.67
C SER A 60 -9.13 -23.36 2.35
N THR A 61 -8.63 -24.30 1.55
CA THR A 61 -8.04 -25.52 2.11
C THR A 61 -6.85 -25.19 3.00
N LYS A 62 -5.95 -24.30 2.54
CA LYS A 62 -4.82 -23.89 3.36
C LYS A 62 -5.28 -23.34 4.70
N LEU A 63 -6.25 -22.43 4.66
CA LEU A 63 -6.76 -21.81 5.88
C LEU A 63 -7.42 -22.83 6.80
N SER A 64 -8.21 -23.73 6.22
CA SER A 64 -8.88 -24.75 7.01
C SER A 64 -7.87 -25.66 7.72
N ILE A 65 -6.78 -26.02 7.01
CA ILE A 65 -5.70 -26.80 7.59
C ILE A 65 -4.98 -26.00 8.70
N LEU A 66 -4.75 -24.71 8.49
CA LEU A 66 -4.14 -23.89 9.54
C LEU A 66 -5.02 -23.84 10.78
N ASP A 67 -6.31 -23.57 10.58
CA ASP A 67 -7.24 -23.50 11.70
C ASP A 67 -7.22 -24.79 12.49
N ASP A 68 -7.31 -25.92 11.79
CA ASP A 68 -7.36 -27.22 12.44
C ASP A 68 -6.04 -27.52 13.16
N ASN A 69 -4.90 -27.14 12.58
CA ASN A 69 -3.64 -27.45 13.27
C ASN A 69 -3.45 -26.53 14.46
N PHE A 70 -3.80 -25.26 14.32
CA PHE A 70 -3.75 -24.34 15.44
C PHE A 70 -4.57 -24.88 16.61
N ASN A 71 -5.76 -25.40 16.31
CA ASN A 71 -6.61 -25.98 17.34
C ASN A 71 -5.96 -27.21 17.95
N HIS A 72 -5.27 -28.01 17.15
CA HIS A 72 -4.69 -29.22 17.69
C HIS A 72 -3.56 -28.88 18.67
N ILE A 73 -2.84 -27.80 18.40
CA ILE A 73 -1.74 -27.39 19.28
C ILE A 73 -2.24 -26.59 20.48
N TYR A 74 -3.03 -25.53 20.26
CA TYR A 74 -3.42 -24.65 21.35
C TYR A 74 -4.85 -24.79 21.86
N LYS A 75 -5.58 -25.82 21.46
CA LYS A 75 -6.92 -26.08 22.02
C LYS A 75 -7.89 -24.92 21.77
N HIS A 76 -7.72 -24.22 20.65
CA HIS A 76 -8.56 -23.09 20.31
C HIS A 76 -8.64 -22.98 18.80
N ASN A 77 -9.85 -22.83 18.25
CA ASN A 77 -10.03 -22.65 16.80
C ASN A 77 -10.01 -21.15 16.48
N PRO A 78 -8.94 -20.66 15.82
CA PRO A 78 -8.90 -19.21 15.51
C PRO A 78 -9.99 -18.77 14.55
N ILE A 79 -10.39 -19.63 13.64
CA ILE A 79 -11.34 -19.22 12.61
C ILE A 79 -12.75 -19.57 13.03
N HIS A 80 -13.64 -18.59 12.98
CA HIS A 80 -15.03 -18.85 13.23
C HIS A 80 -15.74 -19.36 11.99
N HIS A 81 -15.60 -18.65 10.87
CA HIS A 81 -16.08 -19.14 9.58
C HIS A 81 -15.39 -18.35 8.48
N MET A 82 -15.62 -18.77 7.24
CA MET A 82 -15.10 -18.11 6.07
C MET A 82 -16.20 -18.00 5.03
N GLU A 83 -16.13 -16.96 4.20
CA GLU A 83 -17.06 -16.82 3.09
C GLU A 83 -16.28 -16.43 1.84
N ARG A 84 -16.39 -17.24 0.80
CA ARG A 84 -15.74 -16.98 -0.47
C ARG A 84 -16.71 -16.27 -1.40
N ARG A 85 -16.18 -15.46 -2.31
CA ARG A 85 -17.00 -14.85 -3.36
C ARG A 85 -16.10 -14.45 -4.51
N VAL A 86 -16.57 -14.70 -5.73
CA VAL A 86 -16.02 -14.11 -6.95
C VAL A 86 -16.89 -12.92 -7.31
N LYS A 87 -16.27 -11.78 -7.63
CA LYS A 87 -17.07 -10.63 -8.06
C LYS A 87 -17.78 -10.95 -9.37
N GLU A 88 -19.08 -10.72 -9.39
CA GLU A 88 -19.86 -10.98 -10.59
C GLU A 88 -19.44 -10.03 -11.71
N MET A 89 -19.62 -10.47 -12.95
CA MET A 89 -19.12 -9.75 -14.11
C MET A 89 -19.56 -8.29 -14.14
N ARG A 90 -20.79 -8.01 -13.66
CA ARG A 90 -21.27 -6.63 -13.65
C ARG A 90 -20.47 -5.77 -12.67
N SER A 91 -20.02 -6.34 -11.55
CA SER A 91 -19.09 -5.69 -10.63
C SER A 91 -17.67 -5.54 -11.21
N LEU A 92 -17.26 -6.40 -12.15
CA LEU A 92 -15.97 -6.19 -12.81
C LEU A 92 -16.03 -5.06 -13.84
N ILE A 93 -17.12 -5.00 -14.62
CA ILE A 93 -17.20 -4.03 -15.70
C ILE A 93 -17.31 -2.61 -15.16
N GLU A 94 -18.15 -2.36 -14.16
CA GLU A 94 -18.27 -1.00 -13.66
C GLU A 94 -16.94 -0.53 -13.07
N LYS A 95 -16.19 -1.44 -12.44
CA LYS A 95 -14.88 -1.08 -11.91
C LYS A 95 -13.90 -0.80 -13.04
N LEU A 96 -13.97 -1.58 -14.12
CA LEU A 96 -13.18 -1.28 -15.31
C LEU A 96 -13.57 0.06 -15.93
N ASN A 97 -14.88 0.34 -15.98
CA ASN A 97 -15.37 1.61 -16.50
C ASN A 97 -14.91 2.78 -15.64
N ARG A 98 -14.99 2.61 -14.33
CA ARG A 98 -14.55 3.65 -13.42
C ARG A 98 -13.08 3.98 -13.62
N LYS A 99 -12.25 3.00 -14.01
CA LYS A 99 -10.85 3.20 -14.36
C LYS A 99 -10.60 3.50 -15.83
N GLY A 100 -11.65 3.63 -16.65
CA GLY A 100 -11.43 3.90 -18.08
C GLY A 100 -10.73 2.77 -18.80
N LEU A 101 -10.86 1.56 -18.31
CA LEU A 101 -10.18 0.40 -18.85
C LEU A 101 -11.06 -0.27 -19.91
N GLN A 102 -10.41 -0.87 -20.90
CA GLN A 102 -11.10 -1.68 -21.90
C GLN A 102 -11.83 -2.84 -21.22
N ILE A 103 -13.01 -3.19 -21.75
CA ILE A 103 -13.91 -4.13 -21.07
C ILE A 103 -13.62 -5.52 -21.61
N SER A 104 -12.74 -6.24 -20.91
CA SER A 104 -12.52 -7.65 -21.22
C SER A 104 -12.05 -8.36 -19.96
N ALA A 105 -12.13 -9.68 -20.01
CA ALA A 105 -11.67 -10.48 -18.87
C ALA A 105 -10.17 -10.36 -18.67
N GLU A 106 -9.40 -10.25 -19.75
CA GLU A 106 -7.95 -10.14 -19.59
C GLU A 106 -7.55 -8.79 -19.01
N THR A 107 -8.34 -7.74 -19.27
CA THR A 107 -8.03 -6.46 -18.64
C THR A 107 -8.42 -6.50 -17.18
N ALA A 108 -9.58 -7.11 -16.88
CA ALA A 108 -9.97 -7.29 -15.49
C ALA A 108 -8.93 -8.10 -14.74
N LYS A 109 -8.45 -9.19 -15.35
CA LYS A 109 -7.43 -10.01 -14.73
C LYS A 109 -6.22 -9.18 -14.35
N GLU A 110 -5.79 -8.30 -15.26
CA GLU A 110 -4.56 -7.57 -15.02
C GLU A 110 -4.72 -6.49 -13.97
N HIS A 111 -5.91 -5.90 -13.84
CA HIS A 111 -6.07 -4.64 -13.13
C HIS A 111 -6.93 -4.72 -11.88
N ILE A 112 -7.61 -5.83 -11.63
CA ILE A 112 -8.48 -5.95 -10.46
C ILE A 112 -8.00 -7.15 -9.66
N LEU A 113 -7.50 -6.88 -8.45
CA LEU A 113 -6.92 -7.95 -7.66
C LEU A 113 -7.85 -8.49 -6.59
N ASP A 114 -9.06 -7.97 -6.50
CA ASP A 114 -10.07 -8.56 -5.62
C ASP A 114 -11.21 -9.21 -6.40
N ILE A 115 -10.93 -9.71 -7.60
CA ILE A 115 -11.93 -10.50 -8.30
C ILE A 115 -12.38 -11.66 -7.42
N ALA A 116 -11.41 -12.37 -6.84
CA ALA A 116 -11.68 -13.41 -5.85
C ALA A 116 -11.43 -12.84 -4.47
N GLY A 117 -12.41 -13.03 -3.58
CA GLY A 117 -12.29 -12.56 -2.22
C GLY A 117 -12.76 -13.60 -1.23
N ILE A 118 -12.05 -13.74 -0.13
CA ILE A 118 -12.44 -14.64 0.92
C ILE A 118 -12.42 -13.87 2.22
N ARG A 119 -13.45 -13.98 3.02
CA ARG A 119 -13.50 -13.30 4.29
C ARG A 119 -13.25 -14.31 5.33
N VAL A 120 -12.27 -14.07 6.17
CA VAL A 120 -11.94 -15.00 7.21
C VAL A 120 -12.35 -14.35 8.50
N VAL A 121 -13.36 -14.92 9.12
CA VAL A 121 -13.95 -14.37 10.33
C VAL A 121 -13.41 -15.15 11.53
N CYS A 122 -12.74 -14.43 12.43
CA CYS A 122 -12.00 -15.03 13.53
C CYS A 122 -12.75 -14.84 14.84
N ASN A 123 -12.46 -15.73 15.80
CA ASN A 123 -13.13 -15.66 17.09
C ASN A 123 -12.59 -14.51 17.93
N TYR A 124 -11.28 -14.24 17.88
CA TYR A 124 -10.68 -13.21 18.71
C TYR A 124 -9.70 -12.37 17.92
N LEU A 125 -9.51 -11.13 18.37
CA LEU A 125 -8.73 -10.19 17.58
C LEU A 125 -7.30 -10.68 17.36
N ASP A 126 -6.66 -11.23 18.39
CA ASP A 126 -5.29 -11.69 18.19
C ASP A 126 -5.19 -12.84 17.19
N ASP A 127 -6.27 -13.60 16.99
CA ASP A 127 -6.23 -14.67 15.99
C ASP A 127 -5.98 -14.13 14.59
N ILE A 128 -6.42 -12.90 14.33
CA ILE A 128 -6.27 -12.33 12.99
C ILE A 128 -4.81 -12.34 12.57
N TYR A 129 -3.94 -11.82 13.43
CA TYR A 129 -2.54 -11.70 13.06
C TYR A 129 -1.83 -13.03 13.06
N LEU A 130 -2.35 -14.02 13.79
CA LEU A 130 -1.72 -15.34 13.76
C LEU A 130 -2.07 -16.07 12.48
N ILE A 131 -3.30 -15.90 11.98
CA ILE A 131 -3.66 -16.49 10.70
C ILE A 131 -2.81 -15.89 9.58
N GLU A 132 -2.63 -14.57 9.61
CA GLU A 132 -1.77 -13.90 8.63
C GLU A 132 -0.35 -14.45 8.65
N GLU A 133 0.28 -14.48 9.83
CA GLU A 133 1.64 -14.98 9.91
C GLU A 133 1.74 -16.42 9.41
N MET A 134 0.84 -17.28 9.88
CA MET A 134 0.88 -18.69 9.49
C MET A 134 0.68 -18.86 7.98
N LEU A 135 -0.19 -18.05 7.38
CA LEU A 135 -0.44 -18.16 5.94
C LEU A 135 0.77 -17.65 5.15
N LEU A 136 1.28 -16.45 5.49
CA LEU A 136 2.25 -15.83 4.60
C LEU A 136 3.61 -16.52 4.64
N LYS A 137 3.90 -17.29 5.66
CA LYS A 137 5.16 -18.03 5.62
C LYS A 137 5.12 -19.24 4.68
N GLN A 138 3.99 -19.57 4.06
CA GLN A 138 4.00 -20.69 3.14
C GLN A 138 4.69 -20.28 1.84
N GLU A 139 5.59 -21.15 1.35
CA GLU A 139 6.46 -20.81 0.23
C GLU A 139 5.69 -20.49 -1.05
N ASP A 140 4.50 -21.06 -1.23
CA ASP A 140 3.77 -20.82 -2.46
C ASP A 140 2.70 -19.74 -2.29
N VAL A 141 2.73 -19.00 -1.18
CA VAL A 141 1.86 -17.86 -0.97
C VAL A 141 2.72 -16.60 -0.99
N GLN A 142 2.43 -15.70 -1.92
CA GLN A 142 3.19 -14.46 -2.04
C GLN A 142 2.30 -13.29 -1.67
N LEU A 143 2.78 -12.45 -0.76
CA LEU A 143 2.04 -11.24 -0.41
C LEU A 143 2.18 -10.22 -1.54
N ILE A 144 1.05 -9.67 -1.97
CA ILE A 144 1.01 -8.66 -3.03
C ILE A 144 0.68 -7.29 -2.46
N LYS A 145 -0.33 -7.20 -1.59
CA LYS A 145 -0.78 -5.96 -1.01
C LYS A 145 -1.23 -6.23 0.42
N ARG A 146 -1.06 -5.23 1.29
CA ARG A 146 -1.48 -5.32 2.69
C ARG A 146 -1.98 -3.96 3.15
N LYS A 147 -3.13 -3.94 3.81
CA LYS A 147 -3.62 -2.71 4.40
C LYS A 147 -4.36 -3.09 5.67
N ASP A 148 -3.91 -2.56 6.82
CA ASP A 148 -4.41 -2.99 8.12
C ASP A 148 -5.38 -1.96 8.66
N TYR A 149 -6.66 -2.17 8.36
CA TYR A 149 -7.69 -1.28 8.89
C TYR A 149 -8.06 -1.60 10.33
N ILE A 150 -7.41 -2.60 10.94
CA ILE A 150 -7.57 -2.80 12.38
C ILE A 150 -6.62 -1.89 13.13
N GLN A 151 -5.37 -1.85 12.72
CA GLN A 151 -4.41 -0.93 13.33
C GLN A 151 -4.83 0.52 13.12
N HIS A 152 -5.44 0.81 11.97
CA HIS A 152 -5.87 2.17 11.62
C HIS A 152 -7.26 2.14 11.00
N PRO A 153 -8.31 2.14 11.82
CA PRO A 153 -9.67 2.02 11.26
C PRO A 153 -9.98 3.12 10.26
N LYS A 154 -10.89 2.81 9.34
CA LYS A 154 -11.39 3.83 8.44
C LYS A 154 -12.16 4.85 9.27
N GLU A 155 -12.25 6.08 8.75
CA GLU A 155 -12.95 7.11 9.50
C GLU A 155 -14.36 6.67 9.87
N ASN A 156 -15.04 5.95 8.97
CA ASN A 156 -16.43 5.56 9.22
C ASN A 156 -16.55 4.43 10.26
N GLY A 157 -15.43 3.88 10.74
CA GLY A 157 -15.45 2.86 11.77
C GLY A 157 -15.06 1.47 11.31
N TYR A 158 -14.91 1.25 10.00
CA TYR A 158 -14.59 -0.06 9.45
C TYR A 158 -13.25 -0.58 9.93
N ARG A 159 -13.22 -1.86 10.29
CA ARG A 159 -11.97 -2.54 10.59
C ARG A 159 -11.93 -3.90 9.90
N SER A 160 -10.75 -4.26 9.41
CA SER A 160 -10.44 -5.56 8.82
C SER A 160 -8.97 -5.51 8.44
N LEU A 161 -8.37 -6.69 8.35
CA LEU A 161 -7.04 -6.78 7.80
C LEU A 161 -7.18 -7.28 6.37
N HIS A 162 -6.72 -6.47 5.41
CA HIS A 162 -6.79 -6.84 4.00
C HIS A 162 -5.41 -7.22 3.53
N ILE A 163 -5.26 -8.44 3.02
CA ILE A 163 -4.06 -8.84 2.32
C ILE A 163 -4.49 -9.47 0.99
N VAL A 164 -3.86 -9.02 -0.08
CA VAL A 164 -3.95 -9.70 -1.37
C VAL A 164 -2.75 -10.62 -1.46
N VAL A 165 -3.01 -11.90 -1.74
CA VAL A 165 -1.93 -12.88 -1.91
C VAL A 165 -2.13 -13.57 -3.25
N SER A 166 -1.04 -14.14 -3.77
CA SER A 166 -1.09 -14.93 -4.98
C SER A 166 -0.95 -16.39 -4.62
N ILE A 167 -1.62 -17.25 -5.40
CA ILE A 167 -1.74 -18.67 -5.13
C ILE A 167 -1.67 -19.36 -6.49
N PRO A 168 -0.93 -20.46 -6.63
CA PRO A 168 -0.99 -21.20 -7.89
C PRO A 168 -2.23 -22.08 -7.93
N VAL A 169 -2.86 -22.11 -9.10
CA VAL A 169 -3.96 -23.02 -9.37
C VAL A 169 -3.51 -23.91 -10.50
N PHE A 170 -3.54 -25.21 -10.27
CA PHE A 170 -3.09 -26.19 -11.26
C PHE A 170 -4.33 -26.66 -12.01
N LEU A 171 -4.44 -26.31 -13.28
CA LEU A 171 -5.59 -26.65 -14.10
C LEU A 171 -5.25 -27.84 -14.99
N ALA A 172 -6.23 -28.23 -15.83
CA ALA A 172 -6.07 -29.43 -16.65
C ALA A 172 -4.82 -29.35 -17.52
N GLU A 173 -4.56 -28.18 -18.12
CA GLU A 173 -3.52 -28.06 -19.13
C GLU A 173 -2.64 -26.82 -18.97
N ARG A 174 -2.71 -26.12 -17.86
CA ARG A 174 -1.87 -24.98 -17.60
C ARG A 174 -1.89 -24.71 -16.10
N VAL A 175 -0.94 -23.90 -15.63
CA VAL A 175 -0.93 -23.42 -14.25
C VAL A 175 -1.17 -21.91 -14.26
N GLU A 176 -2.04 -21.45 -13.37
CA GLU A 176 -2.34 -20.02 -13.21
C GLU A 176 -1.98 -19.60 -11.80
N VAL A 177 -1.21 -18.52 -11.69
CA VAL A 177 -0.93 -17.86 -10.41
C VAL A 177 -1.88 -16.68 -10.30
N LEU A 178 -2.80 -16.74 -9.33
CA LEU A 178 -3.87 -15.77 -9.30
C LEU A 178 -3.90 -15.03 -7.96
N PRO A 179 -4.24 -13.75 -7.95
CA PRO A 179 -4.39 -13.05 -6.67
C PRO A 179 -5.72 -13.34 -6.02
N VAL A 180 -5.73 -13.30 -4.70
CA VAL A 180 -6.94 -13.48 -3.88
C VAL A 180 -6.89 -12.43 -2.78
N GLU A 181 -7.96 -11.64 -2.66
CA GLU A 181 -8.07 -10.70 -1.53
C GLU A 181 -8.62 -11.39 -0.30
N ILE A 182 -7.85 -11.39 0.76
CA ILE A 182 -8.27 -11.98 2.02
C ILE A 182 -8.56 -10.85 3.00
N GLN A 183 -9.78 -10.84 3.51
CA GLN A 183 -10.19 -9.90 4.53
C GLN A 183 -10.32 -10.68 5.82
N ILE A 184 -9.42 -10.44 6.77
CA ILE A 184 -9.43 -11.12 8.05
C ILE A 184 -9.97 -10.15 9.08
N ARG A 185 -10.97 -10.60 9.84
CA ARG A 185 -11.67 -9.74 10.79
C ARG A 185 -12.26 -10.61 11.88
N THR A 186 -12.65 -9.97 12.98
CA THR A 186 -13.39 -10.65 14.02
C THR A 186 -14.86 -10.75 13.67
N ILE A 187 -15.55 -11.60 14.45
CA ILE A 187 -17.00 -11.77 14.31
C ILE A 187 -17.69 -10.42 14.43
N GLY A 188 -17.30 -9.64 15.43
CA GLY A 188 -17.92 -8.35 15.64
C GLY A 188 -17.63 -7.39 14.50
N MET A 189 -16.39 -7.38 14.01
CA MET A 189 -16.09 -6.56 12.84
C MET A 189 -16.95 -6.97 11.66
N ASP A 190 -17.20 -8.27 11.52
CA ASP A 190 -18.00 -8.79 10.43
C ASP A 190 -19.46 -8.36 10.53
N MET A 191 -20.04 -8.42 11.74
CA MET A 191 -21.41 -7.93 11.94
C MET A 191 -21.52 -6.45 11.55
N TRP A 192 -20.54 -5.65 11.96
CA TRP A 192 -20.57 -4.22 11.61
C TRP A 192 -20.50 -4.05 10.10
N ALA A 193 -19.47 -4.64 9.48
CA ALA A 193 -19.24 -4.45 8.05
C ALA A 193 -20.43 -4.95 7.23
N SER A 194 -21.14 -5.99 7.69
CA SER A 194 -22.28 -6.48 6.93
C SER A 194 -23.40 -5.46 6.96
N LEU A 195 -23.67 -4.90 8.13
CA LEU A 195 -24.68 -3.86 8.21
C LEU A 195 -24.26 -2.61 7.42
N GLU A 196 -23.02 -2.12 7.63
CA GLU A 196 -22.57 -0.93 6.88
C GLU A 196 -22.66 -1.19 5.38
N HIS A 197 -22.16 -2.35 4.96
CA HIS A 197 -22.32 -2.76 3.58
C HIS A 197 -23.79 -2.79 3.20
N LYS A 198 -24.66 -3.21 4.10
CA LYS A 198 -26.09 -3.05 3.88
C LYS A 198 -26.63 -1.62 4.18
N ILE A 199 -25.83 -0.59 4.16
CA ILE A 199 -26.43 0.73 4.25
C ILE A 199 -26.11 1.45 2.95
N ARG A 200 -24.90 1.20 2.47
CA ARG A 200 -24.37 1.79 1.27
C ARG A 200 -25.02 1.35 -0.01
N TYR A 201 -25.08 0.06 -0.22
CA TYR A 201 -25.65 -0.46 -1.45
C TYR A 201 -27.13 -0.29 -1.68
N LYS A 202 -27.94 -0.49 -0.66
CA LYS A 202 -29.35 -0.31 -0.85
C LYS A 202 -29.71 1.01 -0.24
N ASN A 203 -30.22 1.93 -1.04
CA ASN A 203 -30.55 3.27 -0.55
C ASN A 203 -29.39 3.96 0.15
N ASN A 204 -28.39 4.25 -0.68
CA ASN A 204 -27.14 4.91 -0.28
C ASN A 204 -27.26 6.33 0.30
N ALA A 205 -28.36 7.01 0.03
CA ALA A 205 -28.53 8.37 0.50
C ALA A 205 -28.46 8.40 2.01
N GLU A 206 -29.03 7.39 2.64
CA GLU A 206 -29.02 7.33 4.10
C GLU A 206 -27.65 7.02 4.69
N THR A 207 -26.62 6.80 3.85
CA THR A 207 -25.28 6.54 4.36
C THR A 207 -24.81 7.66 5.28
N GLU A 208 -25.21 8.91 4.99
CA GLU A 208 -24.91 10.04 5.88
C GLU A 208 -25.74 9.98 7.16
N LYS A 209 -26.99 9.51 7.07
CA LYS A 209 -27.89 9.52 8.22
C LYS A 209 -27.37 8.65 9.36
N TYR A 210 -26.83 7.47 9.04
CA TYR A 210 -26.39 6.52 10.06
C TYR A 210 -24.90 6.57 10.34
N ARG A 211 -24.18 7.48 9.71
CA ARG A 211 -22.72 7.48 9.80
C ARG A 211 -22.26 7.66 11.24
N ASP A 212 -22.88 8.59 11.98
CA ASP A 212 -22.44 8.83 13.36
C ASP A 212 -22.84 7.70 14.27
N LEU A 213 -23.99 7.08 13.99
CA LEU A 213 -24.44 5.98 14.82
C LEU A 213 -23.64 4.71 14.53
N LEU A 214 -23.28 4.47 13.27
CA LEU A 214 -22.44 3.31 12.95
C LEU A 214 -21.03 3.45 13.51
N LYS A 215 -20.49 4.68 13.57
CA LYS A 215 -19.20 4.88 14.21
C LYS A 215 -19.26 4.52 15.69
N GLU A 216 -20.32 4.91 16.38
CA GLU A 216 -20.46 4.55 17.79
C GLU A 216 -20.50 3.05 17.95
N CYS A 217 -21.26 2.35 17.09
CA CYS A 217 -21.37 0.91 17.20
C CYS A 217 -20.02 0.24 16.98
N ALA A 218 -19.25 0.71 15.99
CA ALA A 218 -17.91 0.16 15.75
C ALA A 218 -17.03 0.33 16.97
N THR A 219 -17.09 1.52 17.60
CA THR A 219 -16.33 1.73 18.83
C THR A 219 -16.81 0.77 19.92
N GLU A 220 -18.12 0.62 20.07
CA GLU A 220 -18.63 -0.23 21.14
C GLU A 220 -18.27 -1.69 20.90
N ILE A 221 -18.27 -2.12 19.65
CA ILE A 221 -17.89 -3.49 19.33
C ILE A 221 -16.42 -3.72 19.65
N THR A 222 -15.55 -2.78 19.27
CA THR A 222 -14.13 -2.88 19.60
C THR A 222 -13.94 -3.05 21.10
N GLU A 223 -14.59 -2.19 21.89
CA GLU A 223 -14.41 -2.20 23.34
C GLU A 223 -14.74 -3.56 23.93
N VAL A 224 -15.88 -4.15 23.54
CA VAL A 224 -16.28 -5.42 24.13
C VAL A 224 -15.42 -6.57 23.62
N GLU A 225 -14.94 -6.49 22.37
CA GLU A 225 -14.08 -7.57 21.88
C GLU A 225 -12.72 -7.55 22.54
N ASP A 226 -12.22 -6.37 22.98
CA ASP A 226 -10.97 -6.39 23.72
C ASP A 226 -11.15 -6.96 25.11
N LYS A 227 -12.32 -6.74 25.73
CA LYS A 227 -12.57 -7.39 27.02
C LYS A 227 -12.67 -8.88 26.86
N LEU A 228 -13.37 -9.34 25.80
CA LEU A 228 -13.50 -10.78 25.60
C LEU A 228 -12.17 -11.40 25.25
N GLN A 229 -11.37 -10.71 24.44
CA GLN A 229 -10.01 -11.16 24.13
C GLN A 229 -9.22 -11.39 25.42
N GLN A 230 -9.23 -10.42 26.33
CA GLN A 230 -8.33 -10.57 27.47
C GLN A 230 -8.85 -11.61 28.47
N ILE A 231 -10.16 -11.80 28.56
CA ILE A 231 -10.65 -12.93 29.35
C ILE A 231 -10.22 -14.26 28.73
N HIS A 232 -10.30 -14.34 27.40
CA HIS A 232 -9.94 -15.58 26.71
C HIS A 232 -8.44 -15.86 26.79
N SER A 233 -7.62 -14.80 26.65
CA SER A 233 -6.17 -14.96 26.76
C SER A 233 -5.74 -15.45 28.14
N GLU A 234 -6.45 -15.01 29.19
CA GLU A 234 -6.01 -15.32 30.54
C GLU A 234 -6.23 -16.79 30.89
N ILE A 235 -7.32 -17.38 30.42
CA ILE A 235 -7.62 -18.77 30.74
C ILE A 235 -6.93 -19.76 29.82
N THR A 236 -6.23 -19.29 28.79
CA THR A 236 -5.57 -20.20 27.84
C THR A 236 -4.05 -20.27 27.99
N PHE B 39 2.31 11.47 -33.28
CA PHE B 39 1.96 10.06 -33.37
C PHE B 39 1.19 9.62 -32.14
N ASP B 40 0.43 8.56 -32.31
CA ASP B 40 -0.43 8.05 -31.25
C ASP B 40 0.34 7.66 -30.01
N THR B 41 1.51 7.09 -30.19
CA THR B 41 2.39 6.71 -29.10
C THR B 41 2.82 7.94 -28.32
N LEU B 42 3.07 9.02 -29.02
CA LEU B 42 3.49 10.24 -28.37
C LEU B 42 2.44 10.80 -27.46
N LEU B 43 1.18 10.71 -27.86
CA LEU B 43 0.12 11.27 -27.06
C LEU B 43 0.02 10.66 -25.68
N GLY B 44 0.22 9.36 -25.60
CA GLY B 44 0.16 8.68 -24.33
C GLY B 44 1.20 9.19 -23.37
N PHE B 45 2.38 9.51 -23.84
CA PHE B 45 3.39 9.97 -22.89
C PHE B 45 3.10 11.37 -22.38
N VAL B 46 2.49 12.23 -23.21
CA VAL B 46 2.02 13.53 -22.74
C VAL B 46 0.98 13.34 -21.64
N GLU B 47 0.00 12.46 -21.89
CA GLU B 47 -0.98 12.15 -20.85
C GLU B 47 -0.30 11.61 -19.62
N LEU B 48 0.74 10.81 -19.80
CA LEU B 48 1.41 10.22 -18.66
C LEU B 48 1.99 11.30 -17.75
N ASP B 49 2.72 12.26 -18.33
CA ASP B 49 3.31 13.33 -17.54
C ASP B 49 2.24 14.04 -16.72
N HIS B 50 1.08 14.30 -17.34
CA HIS B 50 0.01 15.06 -16.69
C HIS B 50 -0.60 14.31 -15.50
N ILE B 51 -0.93 13.02 -15.67
CA ILE B 51 -1.62 12.31 -14.60
C ILE B 51 -0.66 12.03 -13.43
N TYR B 52 0.61 11.77 -13.72
CA TYR B 52 1.54 11.59 -12.61
C TYR B 52 1.81 12.92 -11.90
N SER B 53 1.72 14.04 -12.61
CA SER B 53 1.81 15.33 -11.94
C SER B 53 0.64 15.53 -10.99
N SER B 54 -0.56 15.16 -11.43
CA SER B 54 -1.71 15.19 -10.53
C SER B 54 -1.45 14.32 -9.31
N ALA B 55 -0.82 13.15 -9.50
CA ALA B 55 -0.51 12.29 -8.37
C ALA B 55 0.34 13.03 -7.35
N LEU B 56 1.34 13.78 -7.83
CA LEU B 56 2.21 14.56 -6.95
C LEU B 56 1.42 15.61 -6.19
N LYS B 57 0.43 16.23 -6.86
CA LYS B 57 -0.41 17.21 -6.18
C LYS B 57 -1.16 16.59 -5.00
N GLU B 58 -1.70 15.37 -5.20
CA GLU B 58 -2.45 14.71 -4.13
C GLU B 58 -1.54 14.44 -2.93
N ILE B 59 -0.36 13.86 -3.15
CA ILE B 59 0.52 13.53 -2.04
C ILE B 59 1.05 14.80 -1.37
N SER B 60 1.38 15.83 -2.17
CA SER B 60 1.87 17.08 -1.60
C SER B 60 0.87 17.67 -0.62
N THR B 61 -0.41 17.70 -1.01
CA THR B 61 -1.44 18.25 -0.14
C THR B 61 -1.55 17.46 1.17
N LYS B 62 -1.57 16.12 1.08
CA LYS B 62 -1.60 15.31 2.29
C LYS B 62 -0.41 15.63 3.19
N LEU B 63 0.79 15.68 2.61
CA LEU B 63 1.99 15.95 3.39
C LEU B 63 1.93 17.33 4.02
N SER B 64 1.49 18.33 3.26
CA SER B 64 1.39 19.68 3.81
C SER B 64 0.41 19.74 4.97
N ILE B 65 -0.74 19.06 4.85
CA ILE B 65 -1.73 19.00 5.92
C ILE B 65 -1.16 18.29 7.15
N LEU B 66 -0.45 17.18 6.94
CA LEU B 66 0.19 16.48 8.04
C LEU B 66 1.19 17.38 8.74
N ASP B 67 2.07 18.02 7.97
CA ASP B 67 3.06 18.90 8.54
C ASP B 67 2.39 20.00 9.31
N ASP B 68 1.40 20.64 8.69
CA ASP B 68 0.74 21.77 9.32
C ASP B 68 0.02 21.36 10.60
N ASN B 69 -0.61 20.18 10.61
CA ASN B 69 -1.33 19.78 11.82
C ASN B 69 -0.37 19.37 12.94
N PHE B 70 0.74 18.71 12.59
CA PHE B 70 1.74 18.39 13.59
C PHE B 70 2.23 19.66 14.29
N ASN B 71 2.47 20.73 13.51
CA ASN B 71 2.90 22.00 14.07
C ASN B 71 1.81 22.63 14.94
N HIS B 72 0.54 22.45 14.56
CA HIS B 72 -0.57 23.00 15.34
C HIS B 72 -0.62 22.36 16.72
N ILE B 73 -0.64 21.05 16.76
CA ILE B 73 -0.71 20.31 18.00
C ILE B 73 0.53 20.47 18.80
N TYR B 74 1.61 20.32 18.09
CA TYR B 74 2.92 20.49 18.64
C TYR B 74 3.52 21.74 17.98
N LYS B 75 4.64 22.17 18.52
CA LYS B 75 5.25 23.38 18.03
C LYS B 75 6.35 23.14 17.05
N HIS B 76 6.36 21.96 16.44
CA HIS B 76 7.37 21.63 15.50
C HIS B 76 6.88 21.21 14.11
N ASN B 77 7.43 21.81 13.09
CA ASN B 77 7.14 21.40 11.71
C ASN B 77 8.09 20.28 11.35
N PRO B 78 7.61 19.03 11.16
CA PRO B 78 8.52 17.96 10.79
C PRO B 78 9.17 18.17 9.43
N ILE B 79 8.48 18.83 8.50
CA ILE B 79 8.96 18.98 7.13
C ILE B 79 9.67 20.32 6.98
N HIS B 80 10.88 20.28 6.43
CA HIS B 80 11.56 21.52 6.12
C HIS B 80 11.16 22.06 4.75
N HIS B 81 11.23 21.22 3.72
CA HIS B 81 10.72 21.56 2.40
C HIS B 81 10.52 20.26 1.62
N MET B 82 9.85 20.39 0.47
CA MET B 82 9.62 19.28 -0.43
C MET B 82 9.94 19.74 -1.83
N GLU B 83 10.30 18.79 -2.70
CA GLU B 83 10.48 19.01 -4.13
C GLU B 83 9.83 17.90 -4.92
N ARG B 84 9.22 18.25 -6.03
CA ARG B 84 8.52 17.34 -6.89
C ARG B 84 9.12 17.27 -8.26
N ARG B 85 9.14 16.11 -8.87
CA ARG B 85 9.58 16.00 -10.24
C ARG B 85 8.92 14.83 -10.95
N VAL B 86 8.69 14.99 -12.24
CA VAL B 86 8.13 13.93 -13.03
C VAL B 86 9.18 13.64 -14.06
N LYS B 87 9.49 12.39 -14.25
CA LYS B 87 10.51 12.02 -15.18
C LYS B 87 10.16 12.47 -16.58
N GLU B 88 11.16 13.02 -17.27
CA GLU B 88 11.03 13.50 -18.63
C GLU B 88 10.78 12.33 -19.53
N MET B 89 10.01 12.56 -20.57
CA MET B 89 9.67 11.50 -21.51
C MET B 89 10.92 10.86 -22.09
N ARG B 90 11.96 11.63 -22.34
CA ARG B 90 13.15 10.99 -22.93
C ARG B 90 13.80 10.02 -21.95
N SER B 91 13.74 10.30 -20.64
CA SER B 91 14.26 9.37 -19.67
C SER B 91 13.41 8.10 -19.59
N LEU B 92 12.12 8.26 -19.78
CA LEU B 92 11.22 7.11 -19.78
C LEU B 92 11.46 6.18 -20.96
N ILE B 93 11.64 6.75 -22.15
CA ILE B 93 11.90 5.93 -23.32
C ILE B 93 13.23 5.22 -23.23
N GLU B 94 14.23 5.91 -22.69
CA GLU B 94 15.54 5.34 -22.56
C GLU B 94 15.46 4.13 -21.64
N LYS B 95 14.76 4.29 -20.52
CA LYS B 95 14.63 3.24 -19.54
C LYS B 95 13.91 2.08 -20.14
N LEU B 96 12.85 2.35 -20.89
CA LEU B 96 12.10 1.28 -21.54
C LEU B 96 12.96 0.60 -22.58
N ASN B 97 13.78 1.38 -23.29
CA ASN B 97 14.69 0.84 -24.27
C ASN B 97 15.71 -0.05 -23.58
N ARG B 98 16.20 0.39 -22.43
CA ARG B 98 17.19 -0.38 -21.72
C ARG B 98 16.65 -1.72 -21.36
N LYS B 99 15.42 -1.76 -20.85
CA LYS B 99 14.81 -3.04 -20.46
C LYS B 99 14.36 -3.88 -21.67
N GLY B 100 14.58 -3.41 -22.89
CA GLY B 100 14.16 -4.13 -24.08
C GLY B 100 12.66 -4.25 -24.24
N LEU B 101 11.90 -3.35 -23.66
CA LEU B 101 10.44 -3.40 -23.67
C LEU B 101 9.81 -2.54 -24.77
N GLN B 102 8.59 -2.92 -25.15
CA GLN B 102 7.80 -2.15 -26.10
C GLN B 102 7.63 -0.73 -25.59
N ILE B 103 7.73 0.26 -26.48
CA ILE B 103 7.83 1.64 -26.02
C ILE B 103 6.45 2.27 -26.16
N SER B 104 5.72 2.36 -25.05
CA SER B 104 4.48 3.11 -24.99
C SER B 104 4.30 3.59 -23.57
N ALA B 105 3.35 4.51 -23.40
CA ALA B 105 3.03 5.01 -22.08
C ALA B 105 2.46 3.91 -21.20
N GLU B 106 1.71 2.97 -21.79
CA GLU B 106 1.11 1.91 -20.98
C GLU B 106 2.19 0.97 -20.44
N THR B 107 3.25 0.79 -21.21
CA THR B 107 4.36 0.01 -20.76
C THR B 107 5.06 0.74 -19.64
N ALA B 108 5.17 2.05 -19.80
CA ALA B 108 5.85 2.84 -18.81
C ALA B 108 5.19 2.77 -17.47
N LYS B 109 3.88 2.81 -17.44
CA LYS B 109 3.17 2.77 -16.19
C LYS B 109 3.41 1.48 -15.47
N GLU B 110 3.40 0.38 -16.21
CA GLU B 110 3.62 -0.91 -15.65
C GLU B 110 5.02 -1.16 -15.10
N HIS B 111 6.03 -0.72 -15.83
CA HIS B 111 7.39 -1.00 -15.41
C HIS B 111 8.24 0.05 -14.74
N ILE B 112 7.76 1.27 -14.63
CA ILE B 112 8.54 2.31 -13.97
C ILE B 112 7.67 2.94 -12.90
N LEU B 113 8.01 2.71 -11.63
CA LEU B 113 7.15 3.15 -10.56
C LEU B 113 7.64 4.40 -9.84
N ASP B 114 8.76 4.96 -10.25
CA ASP B 114 9.17 6.26 -9.73
C ASP B 114 9.07 7.34 -10.80
N ILE B 115 8.12 7.17 -11.73
CA ILE B 115 7.83 8.21 -12.73
C ILE B 115 7.55 9.53 -12.03
N ALA B 116 6.74 9.50 -10.97
CA ALA B 116 6.52 10.68 -10.14
C ALA B 116 7.35 10.51 -8.88
N GLY B 117 8.07 11.56 -8.50
CA GLY B 117 8.88 11.49 -7.32
C GLY B 117 8.74 12.75 -6.49
N ILE B 118 8.68 12.61 -5.17
CA ILE B 118 8.68 13.75 -4.29
C ILE B 118 9.73 13.50 -3.21
N ARG B 119 10.63 14.46 -3.00
CA ARG B 119 11.56 14.39 -1.89
C ARG B 119 11.04 15.21 -0.72
N VAL B 120 10.98 14.58 0.46
CA VAL B 120 10.49 15.23 1.68
C VAL B 120 11.69 15.44 2.60
N VAL B 121 12.16 16.69 2.68
CA VAL B 121 13.33 17.02 3.48
C VAL B 121 12.83 17.45 4.85
N CYS B 122 13.27 16.73 5.88
CA CYS B 122 12.80 16.86 7.25
C CYS B 122 13.83 17.57 8.12
N ASN B 123 13.34 18.18 9.21
CA ASN B 123 14.22 18.97 10.08
C ASN B 123 15.09 18.08 10.97
N TYR B 124 14.54 16.98 11.47
CA TYR B 124 15.27 16.10 12.35
C TYR B 124 15.05 14.66 11.92
N LEU B 125 15.98 13.81 12.35
CA LEU B 125 15.99 12.43 11.89
C LEU B 125 14.69 11.72 12.27
N ASP B 126 14.19 11.95 13.49
CA ASP B 126 12.92 11.38 13.94
C ASP B 126 11.74 11.88 13.13
N ASP B 127 11.84 13.05 12.50
CA ASP B 127 10.71 13.47 11.66
C ASP B 127 10.54 12.54 10.47
N ILE B 128 11.62 11.96 10.00
CA ILE B 128 11.51 11.12 8.84
C ILE B 128 10.65 9.92 9.03
N TYR B 129 10.87 9.21 10.11
CA TYR B 129 10.09 8.01 10.39
C TYR B 129 8.67 8.36 10.72
N LEU B 130 8.52 9.48 11.41
CA LEU B 130 7.25 10.00 11.86
C LEU B 130 6.31 10.43 10.76
N ILE B 131 6.87 11.05 9.75
CA ILE B 131 6.11 11.44 8.60
C ILE B 131 5.62 10.21 7.88
N GLU B 132 6.45 9.20 7.79
CA GLU B 132 6.03 7.99 7.16
C GLU B 132 4.87 7.37 7.88
N GLU B 133 4.89 7.32 9.20
CA GLU B 133 3.79 6.71 9.93
C GLU B 133 2.50 7.46 9.64
N MET B 134 2.58 8.80 9.74
CA MET B 134 1.40 9.64 9.55
C MET B 134 0.83 9.48 8.14
N LEU B 135 1.70 9.29 7.15
CA LEU B 135 1.24 9.15 5.76
C LEU B 135 0.60 7.77 5.52
N LEU B 136 1.29 6.70 5.91
CA LEU B 136 0.85 5.37 5.49
C LEU B 136 -0.39 4.87 6.24
N LYS B 137 -0.71 5.42 7.41
CA LYS B 137 -1.95 5.04 8.09
C LYS B 137 -3.22 5.65 7.45
N GLN B 138 -3.10 6.49 6.44
CA GLN B 138 -4.28 7.05 5.78
C GLN B 138 -4.94 6.02 4.86
N GLU B 139 -6.28 6.02 4.87
CA GLU B 139 -7.07 4.92 4.30
C GLU B 139 -6.79 4.68 2.82
N ASP B 140 -6.53 5.76 2.06
CA ASP B 140 -6.39 5.71 0.61
C ASP B 140 -4.95 5.73 0.16
N VAL B 141 -4.00 5.55 1.07
CA VAL B 141 -2.58 5.45 0.74
C VAL B 141 -2.17 4.00 0.93
N GLN B 142 -1.69 3.40 -0.15
CA GLN B 142 -1.25 2.01 -0.15
C GLN B 142 0.27 2.00 -0.28
N LEU B 143 0.94 1.32 0.65
CA LEU B 143 2.39 1.14 0.59
C LEU B 143 2.72 0.06 -0.44
N ILE B 144 3.61 0.38 -1.39
CA ILE B 144 3.97 -0.52 -2.48
C ILE B 144 5.37 -1.10 -2.28
N LYS B 145 6.33 -0.24 -1.99
CA LYS B 145 7.72 -0.67 -1.85
C LYS B 145 8.38 0.21 -0.78
N ARG B 146 9.37 -0.36 -0.10
CA ARG B 146 10.09 0.34 0.95
C ARG B 146 11.55 -0.09 0.97
N LYS B 147 12.45 0.89 1.04
CA LYS B 147 13.88 0.64 1.20
C LYS B 147 14.45 1.73 2.09
N ASP B 148 15.04 1.34 3.21
CA ASP B 148 15.47 2.27 4.25
C ASP B 148 16.99 2.38 4.17
N TYR B 149 17.50 3.36 3.42
CA TYR B 149 18.93 3.58 3.41
C TYR B 149 19.41 4.35 4.64
N ILE B 150 18.52 4.73 5.54
CA ILE B 150 18.97 5.27 6.82
C ILE B 150 19.33 4.12 7.74
N GLN B 151 18.46 3.10 7.81
CA GLN B 151 18.74 1.88 8.56
C GLN B 151 19.97 1.17 8.02
N HIS B 152 20.15 1.24 6.70
CA HIS B 152 21.21 0.52 5.99
C HIS B 152 21.84 1.44 4.96
N PRO B 153 22.80 2.26 5.36
CA PRO B 153 23.41 3.22 4.43
C PRO B 153 24.03 2.54 3.21
N LYS B 154 24.13 3.29 2.15
CA LYS B 154 24.77 2.79 0.98
C LYS B 154 26.26 2.73 1.20
N GLU B 155 26.94 2.01 0.32
CA GLU B 155 28.39 1.89 0.40
C GLU B 155 29.04 3.25 0.26
N ASN B 156 28.54 4.08 -0.66
CA ASN B 156 29.01 5.44 -0.85
C ASN B 156 28.73 6.35 0.35
N GLY B 157 27.69 6.06 1.11
CA GLY B 157 27.32 6.85 2.25
C GLY B 157 25.93 7.46 2.15
N TYR B 158 25.26 7.20 1.05
CA TYR B 158 23.93 7.74 0.87
C TYR B 158 22.96 7.23 1.89
N ARG B 159 22.21 8.15 2.48
CA ARG B 159 21.18 7.83 3.45
C ARG B 159 19.88 8.53 3.13
N SER B 160 18.80 7.76 3.02
CA SER B 160 17.43 8.26 2.78
C SER B 160 16.41 7.16 3.02
N LEU B 161 15.16 7.54 3.17
CA LEU B 161 14.12 6.54 3.28
C LEU B 161 13.33 6.63 2.02
N HIS B 162 13.26 5.54 1.30
CA HIS B 162 12.53 5.44 0.04
C HIS B 162 11.29 4.58 0.24
N ILE B 163 10.12 5.14 -0.04
CA ILE B 163 8.87 4.38 -0.08
C ILE B 163 8.13 4.71 -1.36
N VAL B 164 7.62 3.70 -2.05
CA VAL B 164 6.67 3.89 -3.14
C VAL B 164 5.26 3.65 -2.59
N VAL B 165 4.37 4.63 -2.79
CA VAL B 165 2.99 4.49 -2.37
C VAL B 165 2.09 4.74 -3.57
N SER B 166 0.88 4.20 -3.50
CA SER B 166 -0.17 4.45 -4.48
C SER B 166 -1.30 5.26 -3.86
N ILE B 167 -1.92 6.06 -4.70
CA ILE B 167 -2.89 7.07 -4.32
C ILE B 167 -3.93 7.09 -5.45
N PRO B 168 -5.23 7.19 -5.16
CA PRO B 168 -6.19 7.42 -6.25
C PRO B 168 -6.12 8.87 -6.74
N VAL B 169 -6.14 9.02 -8.06
CA VAL B 169 -6.21 10.33 -8.73
C VAL B 169 -7.52 10.38 -9.48
N PHE B 170 -8.38 11.33 -9.14
CA PHE B 170 -9.68 11.43 -9.77
C PHE B 170 -9.58 12.40 -10.94
N LEU B 171 -9.76 11.88 -12.15
CA LEU B 171 -9.68 12.69 -13.37
C LEU B 171 -11.11 12.98 -13.89
N ALA B 172 -11.18 13.70 -15.02
CA ALA B 172 -12.47 14.15 -15.51
C ALA B 172 -13.44 13.01 -15.66
N GLU B 173 -12.97 11.86 -16.15
CA GLU B 173 -13.89 10.79 -16.49
C GLU B 173 -13.43 9.42 -16.03
N ARG B 174 -12.44 9.36 -15.13
CA ARG B 174 -12.01 8.10 -14.55
C ARG B 174 -11.20 8.39 -13.28
N VAL B 175 -10.96 7.32 -12.52
CA VAL B 175 -10.02 7.33 -11.41
C VAL B 175 -8.83 6.47 -11.79
N GLU B 176 -7.63 6.96 -11.49
CA GLU B 176 -6.37 6.26 -11.70
C GLU B 176 -5.67 6.08 -10.36
N VAL B 177 -5.29 4.85 -10.05
CA VAL B 177 -4.49 4.57 -8.87
C VAL B 177 -3.04 4.54 -9.35
N LEU B 178 -2.25 5.52 -8.91
CA LEU B 178 -0.94 5.72 -9.48
C LEU B 178 0.14 5.59 -8.41
N PRO B 179 1.29 5.05 -8.76
CA PRO B 179 2.41 4.97 -7.81
C PRO B 179 3.16 6.30 -7.72
N VAL B 180 3.70 6.55 -6.53
CA VAL B 180 4.49 7.75 -6.29
C VAL B 180 5.69 7.36 -5.43
N GLU B 181 6.91 7.66 -5.91
CA GLU B 181 8.09 7.46 -5.09
C GLU B 181 8.31 8.67 -4.18
N ILE B 182 8.35 8.42 -2.89
CA ILE B 182 8.64 9.42 -1.86
C ILE B 182 10.00 9.09 -1.26
N GLN B 183 10.93 10.04 -1.35
CA GLN B 183 12.21 9.94 -0.67
C GLN B 183 12.18 10.88 0.53
N ILE B 184 12.27 10.32 1.74
CA ILE B 184 12.23 11.08 2.98
C ILE B 184 13.63 11.10 3.58
N ARG B 185 14.12 12.29 3.90
CA ARG B 185 15.47 12.44 4.40
C ARG B 185 15.54 13.71 5.24
N THR B 186 16.62 13.80 6.00
CA THR B 186 17.07 14.99 6.70
C THR B 186 17.71 16.01 5.78
N ILE B 187 17.81 17.24 6.31
CA ILE B 187 18.45 18.34 5.61
C ILE B 187 19.90 18.00 5.31
N GLY B 188 20.60 17.46 6.30
CA GLY B 188 21.99 17.08 6.08
C GLY B 188 22.10 16.00 5.04
N MET B 189 21.22 14.99 5.12
CA MET B 189 21.19 13.96 4.11
C MET B 189 20.98 14.57 2.75
N ASP B 190 20.11 15.59 2.67
CA ASP B 190 19.81 16.23 1.40
C ASP B 190 21.00 17.04 0.91
N MET B 191 21.67 17.76 1.79
CA MET B 191 22.90 18.43 1.37
C MET B 191 23.94 17.44 0.87
N TRP B 192 24.10 16.32 1.55
CA TRP B 192 25.08 15.33 1.10
C TRP B 192 24.70 14.82 -0.28
N ALA B 193 23.45 14.36 -0.44
CA ALA B 193 23.01 13.71 -1.66
C ALA B 193 23.10 14.63 -2.87
N SER B 194 22.85 15.92 -2.69
CA SER B 194 22.91 16.81 -3.85
C SER B 194 24.35 17.01 -4.35
N LEU B 195 25.31 17.20 -3.44
CA LEU B 195 26.70 17.33 -3.88
C LEU B 195 27.16 16.05 -4.55
N GLU B 196 26.87 14.89 -3.96
CA GLU B 196 27.24 13.61 -4.56
C GLU B 196 26.65 13.48 -5.97
N HIS B 197 25.37 13.78 -6.10
CA HIS B 197 24.71 13.77 -7.39
C HIS B 197 25.37 14.71 -8.38
N LYS B 198 25.80 15.89 -7.92
CA LYS B 198 26.42 16.86 -8.82
C LYS B 198 27.81 16.42 -9.25
N ILE B 199 28.43 15.53 -8.47
CA ILE B 199 29.70 14.97 -8.89
C ILE B 199 29.48 13.85 -9.90
N ARG B 200 28.43 13.05 -9.72
CA ARG B 200 28.30 11.87 -10.57
C ARG B 200 27.95 12.20 -12.01
N TYR B 201 26.85 12.92 -12.24
CA TYR B 201 26.41 13.15 -13.61
C TYR B 201 27.39 14.02 -14.40
N LYS B 202 27.74 15.16 -13.83
CA LYS B 202 28.67 16.05 -14.49
C LYS B 202 30.00 15.34 -14.60
N ASN B 204 32.81 12.56 -15.46
CA ASN B 204 32.27 11.57 -14.54
C ASN B 204 33.36 10.80 -13.81
N ALA B 205 34.61 11.19 -14.01
CA ALA B 205 35.74 10.54 -13.34
C ALA B 205 35.99 11.11 -11.94
N GLU B 206 35.31 12.20 -11.62
CA GLU B 206 35.48 12.83 -10.33
C GLU B 206 34.88 12.06 -9.18
N THR B 207 33.93 11.19 -9.45
CA THR B 207 33.30 10.45 -8.37
C THR B 207 34.30 9.63 -7.55
N GLU B 208 35.16 8.88 -8.22
CA GLU B 208 36.15 8.09 -7.50
C GLU B 208 37.07 9.00 -6.72
N LYS B 209 37.48 10.09 -7.35
CA LYS B 209 38.36 11.01 -6.66
C LYS B 209 37.79 11.45 -5.30
N TYR B 210 36.48 11.73 -5.25
CA TYR B 210 35.86 12.25 -4.05
C TYR B 210 35.17 11.18 -3.23
N ARG B 211 35.28 9.90 -3.62
CA ARG B 211 34.42 8.87 -3.04
C ARG B 211 34.63 8.74 -1.54
N ASP B 212 35.88 8.60 -1.10
CA ASP B 212 36.14 8.43 0.33
C ASP B 212 35.93 9.71 1.12
N LEU B 213 36.17 10.88 0.52
CA LEU B 213 35.93 12.12 1.25
C LEU B 213 34.44 12.40 1.41
N LEU B 214 33.64 12.02 0.41
CA LEU B 214 32.19 12.14 0.54
C LEU B 214 31.66 11.18 1.60
N LYS B 215 32.26 9.99 1.70
CA LYS B 215 31.91 9.06 2.78
C LYS B 215 32.22 9.67 4.15
N GLU B 216 33.34 10.41 4.26
CA GLU B 216 33.63 11.10 5.51
C GLU B 216 32.55 12.10 5.86
N CYS B 217 32.09 12.88 4.87
CA CYS B 217 31.04 13.85 5.13
C CYS B 217 29.73 13.17 5.53
N ALA B 218 29.38 12.06 4.86
CA ALA B 218 28.15 11.35 5.23
C ALA B 218 28.21 10.90 6.68
N THR B 219 29.37 10.39 7.11
CA THR B 219 29.59 10.05 8.51
C THR B 219 29.57 11.30 9.38
N GLU B 220 30.23 12.37 8.92
CA GLU B 220 30.32 13.59 9.71
C GLU B 220 28.93 14.23 9.85
N ILE B 221 28.13 14.18 8.78
CA ILE B 221 26.79 14.74 8.82
C ILE B 221 25.89 13.93 9.74
N THR B 222 26.00 12.60 9.68
CA THR B 222 25.22 11.76 10.60
C THR B 222 25.48 12.16 12.04
N GLU B 223 26.75 12.23 12.43
CA GLU B 223 27.10 12.47 13.82
C GLU B 223 26.52 13.79 14.33
N VAL B 224 26.66 14.86 13.56
CA VAL B 224 26.18 16.14 14.07
C VAL B 224 24.65 16.17 14.10
N GLU B 225 23.99 15.46 13.19
CA GLU B 225 22.53 15.46 13.20
C GLU B 225 21.96 14.66 14.37
N ASP B 226 22.66 13.65 14.87
CA ASP B 226 22.12 12.99 16.05
C ASP B 226 22.31 13.84 17.30
N LYS B 227 23.35 14.68 17.36
CA LYS B 227 23.46 15.61 18.49
C LYS B 227 22.37 16.66 18.43
N LEU B 228 22.09 17.18 17.25
CA LEU B 228 20.99 18.14 17.18
C LEU B 228 19.67 17.46 17.49
N GLN B 229 19.51 16.21 17.01
CA GLN B 229 18.31 15.43 17.33
C GLN B 229 18.11 15.25 18.83
N GLN B 230 19.18 14.90 19.57
CA GLN B 230 18.96 14.59 20.98
C GLN B 230 18.76 15.84 21.82
N ILE B 231 19.32 16.98 21.40
CA ILE B 231 18.99 18.24 22.06
C ILE B 231 17.54 18.63 21.80
N HIS B 232 17.06 18.43 20.57
CA HIS B 232 15.68 18.78 20.25
C HIS B 232 14.70 17.83 20.93
N SER B 233 15.07 16.54 21.03
CA SER B 233 14.23 15.57 21.72
C SER B 233 14.04 15.93 23.19
N GLU B 234 15.09 16.49 23.82
CA GLU B 234 15.06 16.75 25.26
C GLU B 234 14.14 17.92 25.59
N ILE B 235 14.17 18.97 24.76
CA ILE B 235 13.40 20.18 25.02
C ILE B 235 11.96 20.15 24.51
N THR B 236 11.55 19.10 23.80
CA THR B 236 10.18 19.03 23.28
C THR B 236 9.32 18.01 24.04
#